data_9DLY
#
_entry.id   9DLY
#
_cell.length_a   85.977
_cell.length_b   85.977
_cell.length_c   139.849
_cell.angle_alpha   90.000
_cell.angle_beta   90.000
_cell.angle_gamma   120.000
#
_symmetry.space_group_name_H-M   'P 64'
#
loop_
_entity.id
_entity.type
_entity.pdbx_description
1 polymer 'Dihydroorotate dehydrogenase (quinone), mitochondrial'
2 non-polymer 3-{(R)-amino[6-(trifluoromethyl)pyridin-3-yl]methyl}-4-cyclopropyl-6-ethyl-2-methyl-2,6-dihydro-7H-pyrazolo[3,4-c]pyridin-7-one
3 non-polymer 'FLAVIN MONONUCLEOTIDE'
4 non-polymer 6-[bis(oxidanyl)methyl]-5~{H}-pyrimidine-2,4-dione
#
_entity_poly.entity_id   1
_entity_poly.type   'polypeptide(L)'
_entity_poly.pdbx_seq_one_letter_code
;MGHHHHHHAENLYFQGADPFESYNPEFFLYDIFLKFCLKYIDGEICHDLFLLLGKYNILPYDTSNDSIYACTNIKHLDFI
NPFGVAAGFDKNGVCIDSILKLGFSFIEIGTITPRGQTGNAKPRIFRDVESRSIINSCGFNNMGCDKVTENLILFRKRQE
EDKLLSKHIVGVSIGKNKDTVNIVDDLKYCINKIGRYADYIAINVSSPNTPGLRDNQEAGKLKNIILSVKEEIDNLEKNN
IMNDEFLWFNTTKKKPLVFVKLAPDLNQEQKKEIADVLLETNIDGMIISNTTTQINDIKSFENKKGGVSGAKLKDISTKF
ICEMYNYTNKQIPIIASGGIFSGLDALEKIEAGASVCQLYSCLVFNGMKSAVQIKRELNHLLYQRGYYNLKEAIGRKHSK
S
;
_entity_poly.pdbx_strand_id   A
#
# COMPACT_ATOMS: atom_id res chain seq x y z
N TYR A 23 -26.25 9.06 -0.41
CA TYR A 23 -26.57 10.12 -1.36
C TYR A 23 -25.71 11.36 -1.12
N ASN A 24 -24.58 11.41 -1.82
CA ASN A 24 -23.70 12.59 -1.83
C ASN A 24 -23.44 12.96 -3.28
N PRO A 25 -24.07 14.01 -3.79
CA PRO A 25 -23.90 14.35 -5.22
C PRO A 25 -22.47 14.68 -5.59
N GLU A 26 -21.62 15.02 -4.62
CA GLU A 26 -20.27 15.49 -4.89
C GLU A 26 -19.37 14.44 -5.52
N PHE A 27 -19.88 13.25 -5.83
CA PHE A 27 -19.06 12.23 -6.47
C PHE A 27 -19.15 12.27 -7.99
N PHE A 28 -20.36 12.21 -8.54
CA PHE A 28 -20.52 12.06 -9.98
C PHE A 28 -19.92 13.24 -10.74
N LEU A 29 -19.92 14.43 -10.14
CA LEU A 29 -19.33 15.58 -10.81
C LEU A 29 -17.93 15.26 -11.33
N TYR A 30 -17.18 14.46 -10.59
CA TYR A 30 -15.84 14.08 -11.02
C TYR A 30 -15.84 12.94 -12.03
N ASP A 31 -16.82 12.04 -11.93
CA ASP A 31 -16.89 10.91 -12.87
C ASP A 31 -17.19 11.37 -14.29
N ILE A 32 -17.75 12.56 -14.46
CA ILE A 32 -17.94 13.11 -15.80
C ILE A 32 -16.60 13.24 -16.51
N PHE A 33 -15.62 13.85 -15.83
CA PHE A 33 -14.31 14.10 -16.40
C PHE A 33 -13.44 12.85 -16.48
N LEU A 34 -13.84 11.76 -15.83
CA LEU A 34 -13.00 10.57 -15.80
C LEU A 34 -12.78 10.01 -17.20
N LYS A 35 -13.87 9.83 -17.96
CA LYS A 35 -13.74 9.32 -19.31
C LYS A 35 -12.80 10.19 -20.14
N PHE A 36 -12.87 11.51 -19.95
CA PHE A 36 -11.98 12.41 -20.67
C PHE A 36 -10.53 12.08 -20.36
N CYS A 37 -10.20 11.95 -19.07
CA CYS A 37 -8.81 11.76 -18.66
C CYS A 37 -8.21 10.51 -19.32
N LEU A 38 -8.94 9.39 -19.27
CA LEU A 38 -8.40 8.14 -19.79
C LEU A 38 -8.09 8.21 -21.28
N LYS A 39 -8.72 9.12 -22.01
CA LYS A 39 -8.55 9.20 -23.45
C LYS A 39 -7.63 10.32 -23.90
N TYR A 40 -7.45 11.34 -23.09
CA TYR A 40 -6.72 12.53 -23.52
C TYR A 40 -5.56 12.92 -22.62
N ILE A 41 -5.69 12.79 -21.31
CA ILE A 41 -4.72 13.35 -20.38
C ILE A 41 -3.63 12.34 -20.07
N ASP A 42 -2.39 12.82 -19.98
CA ASP A 42 -1.28 11.96 -19.61
C ASP A 42 -1.48 11.42 -18.19
N GLY A 43 -1.03 10.18 -17.98
CA GLY A 43 -1.29 9.51 -16.71
C GLY A 43 -0.81 10.30 -15.51
N GLU A 44 0.46 10.70 -15.52
CA GLU A 44 1.01 11.41 -14.37
C GLU A 44 0.36 12.78 -14.21
N ILE A 45 -0.03 13.42 -15.31
CA ILE A 45 -0.76 14.68 -15.20
C ILE A 45 -2.07 14.46 -14.46
N CYS A 46 -2.71 13.31 -14.67
CA CYS A 46 -3.92 13.00 -13.92
C CYS A 46 -3.60 12.78 -12.45
N HIS A 47 -2.46 12.15 -12.16
CA HIS A 47 -2.10 11.90 -10.77
C HIS A 47 -1.88 13.21 -10.02
N ASP A 48 -1.10 14.11 -10.61
CA ASP A 48 -0.84 15.39 -9.96
C ASP A 48 -2.13 16.19 -9.79
N LEU A 49 -3.02 16.14 -10.80
CA LEU A 49 -4.29 16.84 -10.69
C LEU A 49 -5.12 16.30 -9.53
N PHE A 50 -5.22 14.97 -9.43
CA PHE A 50 -5.96 14.35 -8.33
C PHE A 50 -5.39 14.78 -6.98
N LEU A 51 -4.07 14.66 -6.81
CA LEU A 51 -3.43 15.06 -5.57
C LEU A 51 -3.68 16.53 -5.27
N LEU A 52 -3.68 17.37 -6.31
CA LEU A 52 -3.94 18.79 -6.11
C LEU A 52 -5.34 19.01 -5.55
N LEU A 53 -6.34 18.33 -6.12
CA LEU A 53 -7.71 18.46 -5.63
C LEU A 53 -7.78 18.18 -4.13
N GLY A 54 -7.30 17.01 -3.73
CA GLY A 54 -7.35 16.64 -2.32
C GLY A 54 -6.52 17.57 -1.45
N LYS A 55 -5.49 18.20 -2.02
CA LYS A 55 -4.72 19.18 -1.27
C LYS A 55 -5.60 20.34 -0.82
N TYR A 56 -6.58 20.72 -1.64
CA TYR A 56 -7.46 21.83 -1.33
C TYR A 56 -8.80 21.36 -0.78
N ASN A 57 -8.92 20.07 -0.43
CA ASN A 57 -10.04 19.58 0.35
C ASN A 57 -11.35 19.68 -0.41
N ILE A 58 -11.30 19.54 -1.73
CA ILE A 58 -12.47 19.64 -2.57
C ILE A 58 -12.82 18.28 -3.21
N LEU A 59 -12.33 17.21 -2.63
CA LEU A 59 -12.71 15.89 -3.10
C LEU A 59 -13.93 15.40 -2.34
N PRO A 60 -14.68 14.46 -2.91
CA PRO A 60 -15.93 14.03 -2.27
C PRO A 60 -15.66 13.41 -0.91
N TYR A 61 -16.77 13.17 -0.19
CA TYR A 61 -16.74 12.63 1.16
C TYR A 61 -17.59 11.36 1.24
N ASP A 62 -17.09 10.38 1.97
CA ASP A 62 -17.86 9.18 2.33
C ASP A 62 -17.91 9.12 3.86
N THR A 63 -18.98 9.67 4.43
CA THR A 63 -19.10 9.80 5.88
C THR A 63 -20.10 8.80 6.47
N SER A 64 -20.34 7.69 5.79
CA SER A 64 -21.22 6.65 6.28
C SER A 64 -20.44 5.66 7.13
N ASN A 65 -21.04 5.24 8.24
CA ASN A 65 -20.41 4.24 9.09
C ASN A 65 -20.17 2.96 8.30
N ASP A 66 -19.05 2.32 8.58
CA ASP A 66 -18.71 1.05 7.93
C ASP A 66 -19.30 -0.12 8.69
N SER A 67 -19.41 -1.25 8.01
CA SER A 67 -19.94 -2.46 8.63
C SER A 67 -18.97 -2.99 9.67
N ILE A 68 -19.46 -3.18 10.90
CA ILE A 68 -18.63 -3.75 11.95
C ILE A 68 -18.24 -5.18 11.62
N TYR A 69 -18.95 -5.82 10.69
CA TYR A 69 -18.61 -7.16 10.26
C TYR A 69 -17.46 -7.19 9.26
N ALA A 70 -17.06 -6.03 8.73
CA ALA A 70 -15.95 -5.92 7.81
C ALA A 70 -14.66 -5.45 8.48
N CYS A 71 -14.72 -5.03 9.73
CA CYS A 71 -13.52 -4.64 10.45
C CYS A 71 -12.51 -5.78 10.49
N THR A 72 -11.25 -5.46 10.23
CA THR A 72 -10.17 -6.43 10.25
C THR A 72 -9.01 -5.85 11.04
N ASN A 73 -8.04 -6.71 11.37
CA ASN A 73 -6.90 -6.30 12.16
C ASN A 73 -5.68 -7.13 11.78
N ILE A 74 -4.51 -6.60 12.12
CA ILE A 74 -3.26 -7.35 12.06
C ILE A 74 -2.54 -7.05 13.37
N LYS A 75 -2.67 -7.97 14.32
CA LYS A 75 -2.16 -7.78 15.69
C LYS A 75 -2.87 -6.55 16.26
N HIS A 76 -2.16 -5.57 16.80
CA HIS A 76 -2.80 -4.42 17.44
C HIS A 76 -3.14 -3.31 16.45
N LEU A 77 -3.02 -3.57 15.14
CA LEU A 77 -3.52 -2.66 14.12
C LEU A 77 -4.99 -3.00 13.85
N ASP A 78 -5.88 -2.06 14.12
CA ASP A 78 -7.32 -2.26 13.95
C ASP A 78 -7.80 -1.38 12.80
N PHE A 79 -8.24 -2.01 11.72
CA PHE A 79 -8.69 -1.30 10.52
C PHE A 79 -10.21 -1.22 10.52
N ILE A 80 -10.74 -0.01 10.37
CA ILE A 80 -12.18 0.18 10.37
C ILE A 80 -12.81 -0.59 9.20
N ASN A 81 -12.17 -0.56 8.04
CA ASN A 81 -12.61 -1.36 6.91
C ASN A 81 -11.36 -1.88 6.19
N PRO A 82 -11.49 -2.85 5.28
CA PRO A 82 -10.30 -3.54 4.77
C PRO A 82 -9.72 -2.96 3.49
N PHE A 83 -9.92 -1.68 3.23
CA PHE A 83 -9.50 -1.07 1.96
C PHE A 83 -8.71 0.20 2.24
N GLY A 84 -7.43 0.19 1.87
CA GLY A 84 -6.62 1.37 1.77
C GLY A 84 -6.07 1.50 0.37
N VAL A 85 -5.33 2.59 0.15
CA VAL A 85 -4.67 2.85 -1.12
C VAL A 85 -3.19 2.49 -0.98
N ALA A 86 -2.64 1.85 -2.00
CA ALA A 86 -1.30 1.29 -1.92
C ALA A 86 -0.24 2.39 -2.05
N ALA A 87 1.01 1.99 -1.78
CA ALA A 87 2.12 2.92 -1.90
C ALA A 87 2.25 3.40 -3.34
N GLY A 88 2.98 4.50 -3.51
CA GLY A 88 3.12 5.13 -4.80
C GLY A 88 1.97 6.02 -5.19
N PHE A 89 0.85 5.97 -4.47
CA PHE A 89 -0.28 6.84 -4.76
C PHE A 89 0.02 8.26 -4.31
N ASP A 90 0.21 8.45 -3.01
CA ASP A 90 0.64 9.72 -2.42
C ASP A 90 2.06 9.49 -1.91
N LYS A 91 3.03 9.61 -2.82
CA LYS A 91 4.42 9.31 -2.51
C LYS A 91 5.02 10.27 -1.50
N ASN A 92 4.31 11.32 -1.10
CA ASN A 92 4.88 12.32 -0.20
C ASN A 92 3.91 12.77 0.90
N GLY A 93 2.74 12.17 1.00
CA GLY A 93 1.85 12.47 2.11
C GLY A 93 1.34 13.89 2.14
N VAL A 94 1.17 14.51 0.96
CA VAL A 94 0.61 15.85 0.89
C VAL A 94 -0.90 15.83 0.67
N CYS A 95 -1.52 14.65 0.62
CA CYS A 95 -2.91 14.51 0.26
C CYS A 95 -3.60 13.44 1.08
N ILE A 96 -3.08 13.18 2.29
CA ILE A 96 -3.61 12.08 3.08
C ILE A 96 -5.02 12.39 3.55
N ASP A 97 -5.25 13.63 4.00
CA ASP A 97 -6.54 14.01 4.56
C ASP A 97 -7.68 13.69 3.60
N SER A 98 -7.53 14.09 2.33
CA SER A 98 -8.62 13.98 1.37
C SER A 98 -8.75 12.56 0.81
N ILE A 99 -7.62 11.92 0.52
CA ILE A 99 -7.65 10.54 0.03
C ILE A 99 -8.40 9.65 1.02
N LEU A 100 -8.05 9.75 2.30
CA LEU A 100 -8.73 8.94 3.30
C LEU A 100 -10.21 9.27 3.37
N LYS A 101 -10.54 10.56 3.34
CA LYS A 101 -11.94 10.98 3.45
C LYS A 101 -12.79 10.45 2.30
N LEU A 102 -12.18 9.94 1.22
CA LEU A 102 -12.96 9.34 0.15
C LEU A 102 -13.71 8.10 0.63
N GLY A 103 -13.17 7.41 1.64
CA GLY A 103 -13.81 6.23 2.17
C GLY A 103 -12.85 5.09 2.46
N PHE A 104 -11.56 5.40 2.54
CA PHE A 104 -10.53 4.41 2.81
C PHE A 104 -10.17 4.39 4.28
N SER A 105 -9.91 3.20 4.81
CA SER A 105 -9.56 3.07 6.22
C SER A 105 -8.13 3.49 6.50
N PHE A 106 -7.21 3.28 5.55
CA PHE A 106 -5.82 3.60 5.75
C PHE A 106 -5.18 3.93 4.41
N ILE A 107 -3.95 4.46 4.48
CA ILE A 107 -3.16 4.74 3.29
C ILE A 107 -1.72 4.34 3.58
N GLU A 108 -1.02 3.94 2.53
CA GLU A 108 0.41 3.63 2.59
C GLU A 108 1.12 4.67 1.74
N ILE A 109 1.78 5.62 2.39
CA ILE A 109 2.52 6.66 1.70
C ILE A 109 3.92 6.13 1.38
N GLY A 110 4.58 6.78 0.43
CA GLY A 110 5.83 6.30 -0.08
C GLY A 110 5.67 5.67 -1.45
N THR A 111 6.69 4.92 -1.87
CA THR A 111 7.90 4.69 -1.09
C THR A 111 8.76 5.93 -0.97
N ILE A 112 9.35 6.12 0.21
CA ILE A 112 10.20 7.28 0.46
C ILE A 112 11.64 6.82 0.61
N THR A 113 12.56 7.74 0.37
CA THR A 113 13.98 7.52 0.52
C THR A 113 14.54 8.63 1.39
N PRO A 114 15.76 8.45 1.92
CA PRO A 114 16.32 9.50 2.80
C PRO A 114 16.39 10.88 2.14
N ARG A 115 17.02 10.98 0.97
CA ARG A 115 17.10 12.22 0.23
C ARG A 115 16.17 12.15 -0.97
N GLY A 116 15.68 13.32 -1.39
CA GLY A 116 14.74 13.37 -2.49
C GLY A 116 15.33 12.79 -3.76
N GLN A 117 14.44 12.31 -4.63
CA GLN A 117 14.85 11.78 -5.92
C GLN A 117 13.86 12.24 -6.97
N THR A 118 14.35 12.45 -8.19
CA THR A 118 13.50 12.92 -9.27
C THR A 118 12.84 11.79 -10.03
N GLY A 119 13.40 10.59 -9.99
CA GLY A 119 12.83 9.46 -10.68
C GLY A 119 13.53 9.16 -11.99
N ASN A 120 12.75 8.90 -13.04
CA ASN A 120 13.30 8.56 -14.35
C ASN A 120 12.67 9.43 -15.43
N ALA A 121 12.89 9.08 -16.70
CA ALA A 121 12.37 9.88 -17.81
C ALA A 121 10.87 10.11 -17.66
N LYS A 122 10.47 11.38 -17.59
CA LYS A 122 9.13 11.75 -17.16
C LYS A 122 8.04 11.03 -17.94
N PRO A 123 8.25 10.66 -19.20
CA PRO A 123 7.32 9.70 -19.83
C PRO A 123 7.35 8.37 -19.10
N ARG A 124 6.77 8.33 -17.90
CA ARG A 124 7.00 7.25 -16.96
C ARG A 124 5.86 6.23 -16.93
N ILE A 125 4.62 6.68 -16.87
CA ILE A 125 3.48 5.83 -16.60
C ILE A 125 2.50 5.92 -17.76
N PHE A 126 2.01 4.76 -18.21
CA PHE A 126 1.07 4.66 -19.32
C PHE A 126 -0.07 3.73 -18.94
N ARG A 127 -1.23 3.97 -19.54
CA ARG A 127 -2.44 3.22 -19.23
C ARG A 127 -2.99 2.56 -20.48
N ASP A 128 -3.73 1.46 -20.27
CA ASP A 128 -4.50 0.81 -21.32
C ASP A 128 -5.89 0.55 -20.76
N VAL A 129 -6.87 1.32 -21.23
CA VAL A 129 -8.21 1.27 -20.66
C VAL A 129 -8.80 -0.14 -20.80
N GLU A 130 -8.73 -0.70 -22.00
CA GLU A 130 -9.39 -1.97 -22.27
C GLU A 130 -8.94 -3.04 -21.29
N SER A 131 -7.62 -3.25 -21.18
CA SER A 131 -7.11 -4.25 -20.25
C SER A 131 -7.18 -3.81 -18.80
N ARG A 132 -7.55 -2.56 -18.54
CA ARG A 132 -7.52 -1.99 -17.19
C ARG A 132 -6.15 -2.22 -16.56
N SER A 133 -5.11 -1.87 -17.30
CA SER A 133 -3.74 -2.11 -16.90
C SER A 133 -2.95 -0.81 -16.93
N ILE A 134 -1.87 -0.78 -16.15
CA ILE A 134 -0.97 0.35 -16.10
C ILE A 134 0.46 -0.18 -16.08
N ILE A 135 1.36 0.57 -16.71
CA ILE A 135 2.78 0.27 -16.68
C ILE A 135 3.51 1.53 -16.25
N ASN A 136 4.40 1.40 -15.28
CA ASN A 136 5.06 2.56 -14.68
C ASN A 136 6.54 2.29 -14.52
N SER A 137 7.35 3.32 -14.75
CA SER A 137 8.78 3.28 -14.51
C SER A 137 9.19 4.55 -13.78
N CYS A 138 8.67 4.72 -12.58
CA CYS A 138 8.86 5.97 -11.86
C CYS A 138 10.26 6.07 -11.28
N GLY A 139 10.70 5.05 -10.58
CA GLY A 139 12.04 5.06 -10.00
C GLY A 139 12.14 5.79 -8.67
N PHE A 140 11.14 5.64 -7.81
CA PHE A 140 11.13 6.27 -6.49
C PHE A 140 11.32 7.78 -6.59
N ASN A 141 10.39 8.44 -7.26
CA ASN A 141 10.36 9.89 -7.30
C ASN A 141 9.67 10.39 -6.04
N ASN A 142 10.42 11.01 -5.14
CA ASN A 142 9.85 11.52 -3.90
C ASN A 142 10.67 12.73 -3.43
N MET A 143 10.08 13.47 -2.49
CA MET A 143 10.67 14.69 -1.98
C MET A 143 11.74 14.46 -0.92
N GLY A 144 11.86 13.24 -0.41
CA GLY A 144 12.85 12.93 0.60
C GLY A 144 12.21 12.69 1.96
N CYS A 145 12.98 12.05 2.83
CA CYS A 145 12.45 11.65 4.14
C CYS A 145 12.11 12.87 4.99
N ASP A 146 12.96 13.89 5.00
CA ASP A 146 12.73 15.02 5.89
C ASP A 146 11.45 15.75 5.55
N LYS A 147 11.28 16.10 4.27
CA LYS A 147 10.12 16.88 3.86
C LYS A 147 8.83 16.07 4.04
N VAL A 148 8.84 14.82 3.58
CA VAL A 148 7.66 13.98 3.74
C VAL A 148 7.32 13.82 5.22
N THR A 149 8.34 13.81 6.08
CA THR A 149 8.07 13.76 7.52
C THR A 149 7.35 15.02 7.98
N GLU A 150 7.77 16.18 7.48
CA GLU A 150 7.05 17.41 7.80
C GLU A 150 5.58 17.27 7.46
N ASN A 151 5.29 16.78 6.24
CA ASN A 151 3.91 16.65 5.81
C ASN A 151 3.13 15.72 6.74
N LEU A 152 3.68 14.55 7.04
CA LEU A 152 2.97 13.60 7.89
C LEU A 152 2.72 14.18 9.28
N ILE A 153 3.67 14.95 9.80
CA ILE A 153 3.47 15.59 11.09
C ILE A 153 2.25 16.52 11.02
N LEU A 154 2.16 17.32 9.95
CA LEU A 154 1.02 18.21 9.78
C LEU A 154 -0.29 17.43 9.78
N PHE A 155 -0.31 16.28 9.11
CA PHE A 155 -1.52 15.47 9.07
C PHE A 155 -1.89 14.96 10.45
N ARG A 156 -0.93 14.40 11.18
CA ARG A 156 -1.21 13.88 12.52
C ARG A 156 -1.79 14.96 13.43
N LYS A 157 -1.35 16.21 13.26
CA LYS A 157 -1.94 17.31 14.02
C LYS A 157 -3.36 17.60 13.55
N ARG A 158 -3.56 17.67 12.23
CA ARG A 158 -4.91 17.80 11.70
C ARG A 158 -5.79 16.65 12.17
N GLN A 159 -5.21 15.45 12.24
CA GLN A 159 -5.99 14.26 12.62
C GLN A 159 -6.58 14.42 14.02
N GLU A 160 -5.81 14.98 14.94
CA GLU A 160 -6.28 15.12 16.32
C GLU A 160 -7.44 16.09 16.44
N GLU A 161 -7.63 16.97 15.47
CA GLU A 161 -8.70 17.96 15.51
C GLU A 161 -9.78 17.70 14.44
N ASP A 162 -9.80 16.52 13.85
CA ASP A 162 -10.79 16.15 12.84
C ASP A 162 -11.42 14.81 13.22
N LYS A 163 -12.74 14.75 13.20
CA LYS A 163 -13.45 13.52 13.55
C LYS A 163 -13.57 12.56 12.37
N LEU A 164 -13.38 13.04 11.14
CA LEU A 164 -13.35 12.19 9.96
C LEU A 164 -11.99 11.54 9.74
N LEU A 165 -11.07 11.67 10.71
CA LEU A 165 -9.75 11.05 10.61
C LEU A 165 -9.37 10.35 11.91
N SER A 166 -10.31 10.21 12.85
CA SER A 166 -9.94 9.82 14.20
C SER A 166 -9.54 8.35 14.32
N LYS A 167 -10.04 7.50 13.43
CA LYS A 167 -9.76 6.07 13.50
C LYS A 167 -8.88 5.58 12.35
N HIS A 168 -8.47 6.48 11.46
CA HIS A 168 -7.75 6.10 10.26
C HIS A 168 -6.25 5.92 10.52
N ILE A 169 -5.62 5.11 9.67
CA ILE A 169 -4.25 4.67 9.87
C ILE A 169 -3.40 5.12 8.69
N VAL A 170 -2.13 5.38 8.96
CA VAL A 170 -1.16 5.79 7.95
C VAL A 170 0.04 4.87 8.05
N GLY A 171 0.38 4.20 6.95
CA GLY A 171 1.60 3.44 6.85
C GLY A 171 2.61 4.15 5.97
N VAL A 172 3.89 3.84 6.14
CA VAL A 172 4.95 4.48 5.38
C VAL A 172 5.77 3.39 4.70
N SER A 173 5.81 3.42 3.37
CA SER A 173 6.67 2.55 2.60
C SER A 173 8.05 3.19 2.47
N ILE A 174 9.09 2.41 2.74
CA ILE A 174 10.45 2.92 2.76
C ILE A 174 11.32 2.12 1.81
N GLY A 175 12.29 2.79 1.21
CA GLY A 175 13.20 2.17 0.28
C GLY A 175 14.57 2.81 0.29
N LYS A 176 15.32 2.62 -0.80
CA LYS A 176 16.67 3.14 -0.92
C LYS A 176 16.78 4.01 -2.17
N ASN A 177 17.68 4.99 -2.12
CA ASN A 177 17.99 5.76 -3.32
C ASN A 177 18.69 4.87 -4.34
N LYS A 178 18.57 5.25 -5.61
CA LYS A 178 19.19 4.47 -6.67
C LYS A 178 20.68 4.33 -6.43
N ASP A 179 21.33 5.39 -5.97
CA ASP A 179 22.78 5.44 -5.85
C ASP A 179 23.29 4.98 -4.49
N THR A 180 22.41 4.55 -3.58
CA THR A 180 22.86 4.15 -2.26
C THR A 180 23.79 2.96 -2.36
N VAL A 181 24.85 2.97 -1.53
CA VAL A 181 25.80 1.87 -1.53
C VAL A 181 25.26 0.68 -0.76
N ASN A 182 24.48 0.92 0.30
CA ASN A 182 23.91 -0.16 1.10
C ASN A 182 22.47 0.16 1.44
N ILE A 183 21.62 -0.86 1.38
CA ILE A 183 20.19 -0.65 1.59
C ILE A 183 19.88 -0.36 3.05
N VAL A 184 20.55 -1.08 3.97
CA VAL A 184 20.22 -0.96 5.38
C VAL A 184 20.39 0.47 5.87
N ASP A 185 21.40 1.16 5.37
CA ASP A 185 21.67 2.52 5.84
C ASP A 185 20.51 3.45 5.54
N ASP A 186 19.99 3.40 4.31
CA ASP A 186 18.88 4.27 3.94
C ASP A 186 17.62 3.91 4.73
N LEU A 187 17.29 2.63 4.80
CA LEU A 187 16.12 2.22 5.55
C LEU A 187 16.16 2.76 6.98
N LYS A 188 17.32 2.70 7.62
CA LYS A 188 17.40 3.11 9.01
C LYS A 188 17.17 4.61 9.18
N TYR A 189 17.76 5.43 8.30
CA TYR A 189 17.57 6.88 8.40
C TYR A 189 16.10 7.23 8.39
N CYS A 190 15.31 6.53 7.57
CA CYS A 190 13.88 6.78 7.53
C CYS A 190 13.21 6.36 8.84
N ILE A 191 13.47 5.12 9.29
CA ILE A 191 12.88 4.65 10.53
C ILE A 191 13.12 5.64 11.65
N ASN A 192 14.35 6.15 11.74
CA ASN A 192 14.76 7.00 12.85
C ASN A 192 14.24 8.43 12.73
N LYS A 193 13.75 8.84 11.56
CA LYS A 193 13.22 10.18 11.35
C LYS A 193 11.70 10.23 11.35
N ILE A 194 11.05 9.20 10.81
CA ILE A 194 9.61 9.19 10.62
C ILE A 194 8.93 8.09 11.42
N GLY A 195 9.68 7.36 12.25
CA GLY A 195 9.09 6.23 12.95
C GLY A 195 7.96 6.64 13.87
N ARG A 196 8.14 7.73 14.62
CA ARG A 196 7.19 8.10 15.65
C ARG A 196 5.80 8.37 15.08
N TYR A 197 5.69 8.64 13.79
CA TYR A 197 4.44 9.11 13.19
C TYR A 197 3.80 8.08 12.28
N ALA A 198 4.34 6.86 12.23
CA ALA A 198 3.83 5.80 11.38
C ALA A 198 3.14 4.74 12.21
N ASP A 199 2.01 4.25 11.69
CA ASP A 199 1.31 3.14 12.34
C ASP A 199 2.00 1.81 12.03
N TYR A 200 2.40 1.61 10.78
CA TYR A 200 3.25 0.49 10.41
C TYR A 200 4.26 0.98 9.39
N ILE A 201 5.28 0.17 9.14
CA ILE A 201 6.32 0.49 8.19
C ILE A 201 6.50 -0.69 7.25
N ALA A 202 6.28 -0.45 5.96
CA ALA A 202 6.44 -1.47 4.93
C ALA A 202 7.78 -1.30 4.24
N ILE A 203 8.56 -2.38 4.21
CA ILE A 203 9.87 -2.38 3.58
C ILE A 203 9.67 -2.80 2.12
N ASN A 204 9.94 -1.89 1.18
CA ASN A 204 9.77 -2.16 -0.24
C ASN A 204 11.12 -2.62 -0.80
N VAL A 205 11.26 -3.94 -0.96
CA VAL A 205 12.46 -4.50 -1.56
C VAL A 205 12.04 -5.25 -2.83
N SER A 206 11.02 -4.74 -3.51
CA SER A 206 10.42 -5.42 -4.65
C SER A 206 10.19 -4.53 -5.85
N SER A 207 10.60 -3.26 -5.81
CA SER A 207 10.39 -2.37 -6.95
C SER A 207 11.18 -2.88 -8.15
N PRO A 208 10.54 -3.04 -9.32
CA PRO A 208 11.28 -3.43 -10.52
C PRO A 208 11.89 -2.27 -11.30
N ASN A 209 11.62 -1.03 -10.90
CA ASN A 209 12.04 0.16 -11.64
C ASN A 209 13.26 0.83 -11.03
N THR A 210 13.90 0.21 -10.05
CA THR A 210 15.14 0.71 -9.47
C THR A 210 16.21 -0.35 -9.64
N PRO A 211 17.24 -0.14 -10.46
CA PRO A 211 18.22 -1.20 -10.71
C PRO A 211 18.73 -1.83 -9.42
N GLY A 212 18.82 -3.15 -9.43
CA GLY A 212 19.20 -3.91 -8.26
C GLY A 212 18.06 -4.06 -7.28
N LEU A 213 18.35 -3.88 -6.00
CA LEU A 213 17.33 -3.94 -4.95
C LEU A 213 16.76 -5.35 -4.80
N ARG A 214 16.16 -5.88 -5.88
CA ARG A 214 15.59 -7.22 -5.82
C ARG A 214 16.61 -8.26 -5.38
N ASP A 215 17.90 -7.99 -5.59
CA ASP A 215 18.95 -8.88 -5.08
C ASP A 215 18.92 -8.96 -3.55
N ASN A 216 18.37 -7.95 -2.88
CA ASN A 216 18.24 -7.99 -1.43
C ASN A 216 17.18 -8.98 -0.98
N GLN A 217 16.36 -9.51 -1.89
CA GLN A 217 15.41 -10.55 -1.54
C GLN A 217 16.08 -11.87 -1.18
N GLU A 218 17.39 -12.00 -1.41
CA GLU A 218 18.11 -13.17 -0.93
C GLU A 218 17.89 -13.35 0.56
N ALA A 219 17.79 -14.61 1.00
CA ALA A 219 17.40 -14.88 2.37
C ALA A 219 18.35 -14.22 3.36
N GLY A 220 19.65 -14.32 3.13
CA GLY A 220 20.63 -13.77 4.05
C GLY A 220 20.49 -12.27 4.27
N LYS A 221 20.54 -11.50 3.18
CA LYS A 221 20.45 -10.05 3.32
C LYS A 221 19.07 -9.61 3.76
N LEU A 222 18.02 -10.30 3.28
CA LEU A 222 16.67 -9.97 3.72
C LEU A 222 16.53 -10.19 5.23
N LYS A 223 17.10 -11.28 5.74
CA LYS A 223 17.07 -11.51 7.19
C LYS A 223 17.70 -10.34 7.93
N ASN A 224 18.94 -10.01 7.59
CA ASN A 224 19.61 -8.89 8.24
C ASN A 224 18.79 -7.61 8.11
N ILE A 225 18.22 -7.38 6.94
CA ILE A 225 17.39 -6.19 6.73
C ILE A 225 16.25 -6.17 7.74
N ILE A 226 15.43 -7.24 7.74
CA ILE A 226 14.26 -7.27 8.62
C ILE A 226 14.66 -7.05 10.06
N LEU A 227 15.68 -7.79 10.52
CA LEU A 227 16.11 -7.64 11.91
C LEU A 227 16.53 -6.20 12.20
N SER A 228 17.26 -5.58 11.27
CA SER A 228 17.71 -4.21 11.50
C SER A 228 16.55 -3.25 11.61
N VAL A 229 15.54 -3.40 10.76
CA VAL A 229 14.38 -2.52 10.81
C VAL A 229 13.61 -2.75 12.10
N LYS A 230 13.22 -4.00 12.36
CA LYS A 230 12.50 -4.31 13.59
C LYS A 230 13.30 -3.86 14.81
N GLU A 231 14.63 -4.03 14.76
CA GLU A 231 15.46 -3.54 15.85
C GLU A 231 15.40 -2.02 15.93
N GLU A 232 15.51 -1.33 14.80
CA GLU A 232 15.57 0.12 14.81
C GLU A 232 14.29 0.71 15.38
N ILE A 233 13.13 0.13 15.05
CA ILE A 233 11.89 0.59 15.64
C ILE A 233 11.89 0.37 17.15
N ASP A 234 12.39 -0.80 17.58
CA ASP A 234 12.47 -1.07 19.01
C ASP A 234 13.39 -0.09 19.73
N ASN A 235 14.35 0.50 19.01
CA ASN A 235 15.33 1.39 19.63
C ASN A 235 14.76 2.76 19.97
N LEU A 236 13.60 3.12 19.41
CA LEU A 236 13.08 4.47 19.62
C LEU A 236 12.52 4.66 21.03
N GLU A 237 12.11 3.56 21.69
CA GLU A 237 11.49 3.69 23.00
C GLU A 237 12.52 3.98 24.09
N LYS A 238 13.64 3.26 24.07
CA LYS A 238 14.52 3.21 25.23
C LYS A 238 15.02 4.60 25.62
N ASN A 239 15.46 5.38 24.64
CA ASN A 239 16.20 6.62 24.92
C ASN A 239 15.28 7.83 24.97
N ASN A 240 14.17 7.71 25.71
CA ASN A 240 13.21 8.80 25.83
C ASN A 240 13.04 9.19 27.29
N ILE A 241 12.56 10.41 27.50
CA ILE A 241 12.30 10.93 28.84
C ILE A 241 10.81 10.96 29.14
N MET A 242 9.94 10.66 28.19
CA MET A 242 8.50 10.76 28.36
C MET A 242 7.86 9.38 28.23
N ASN A 243 6.60 9.31 28.63
CA ASN A 243 5.87 8.05 28.57
C ASN A 243 5.73 7.58 27.13
N ASP A 244 5.48 6.28 26.97
CA ASP A 244 5.15 5.74 25.65
C ASP A 244 3.87 6.34 25.10
N GLU A 245 3.04 6.94 25.95
CA GLU A 245 1.78 7.51 25.48
C GLU A 245 2.02 8.68 24.55
N PHE A 246 2.99 9.54 24.87
CA PHE A 246 3.23 10.75 24.09
C PHE A 246 4.25 10.57 22.98
N LEU A 247 5.08 9.53 23.03
CA LEU A 247 6.12 9.37 22.02
C LEU A 247 5.52 9.08 20.65
N TRP A 248 4.67 8.06 20.56
CA TRP A 248 4.08 7.64 19.29
C TRP A 248 2.95 8.59 18.94
N PHE A 249 3.25 9.59 18.09
CA PHE A 249 2.23 10.51 17.60
C PHE A 249 1.59 9.91 16.34
N ASN A 250 0.89 8.79 16.55
CA ASN A 250 0.27 8.05 15.47
C ASN A 250 -1.18 7.77 15.87
N THR A 251 -1.79 6.79 15.22
CA THR A 251 -3.17 6.41 15.57
C THR A 251 -3.19 5.43 16.74
N THR A 252 -2.28 4.47 16.74
CA THR A 252 -2.27 3.44 17.79
C THR A 252 -1.65 3.93 19.08
N LYS A 253 -0.78 4.93 19.02
CA LYS A 253 0.05 5.35 20.16
C LYS A 253 0.97 4.23 20.61
N LYS A 254 1.24 3.28 19.72
CA LYS A 254 2.11 2.15 19.98
C LYS A 254 3.20 2.14 18.91
N LYS A 255 4.24 1.35 19.16
CA LYS A 255 5.33 1.30 18.19
C LYS A 255 4.82 0.77 16.85
N PRO A 256 5.39 1.23 15.74
CA PRO A 256 4.91 0.77 14.43
C PRO A 256 5.28 -0.69 14.17
N LEU A 257 4.34 -1.42 13.59
CA LEU A 257 4.62 -2.77 13.15
C LEU A 257 5.46 -2.74 11.89
N VAL A 258 6.02 -3.89 11.53
CA VAL A 258 6.95 -4.01 10.42
C VAL A 258 6.37 -5.02 9.43
N PHE A 259 5.98 -4.52 8.26
CA PHE A 259 5.60 -5.37 7.14
C PHE A 259 6.68 -5.32 6.07
N VAL A 260 6.66 -6.31 5.17
CA VAL A 260 7.58 -6.37 4.06
C VAL A 260 6.77 -6.61 2.78
N LYS A 261 7.11 -5.88 1.74
CA LYS A 261 6.48 -6.05 0.44
C LYS A 261 7.38 -6.89 -0.46
N LEU A 262 6.77 -7.85 -1.16
CA LEU A 262 7.49 -8.83 -1.94
C LEU A 262 7.09 -8.72 -3.41
N ALA A 263 8.05 -9.07 -4.30
CA ALA A 263 7.76 -9.07 -5.72
C ALA A 263 7.20 -10.44 -6.15
N PRO A 264 6.37 -10.47 -7.19
CA PRO A 264 5.87 -11.76 -7.68
C PRO A 264 6.85 -12.50 -8.58
N ASP A 265 7.92 -11.84 -9.04
CA ASP A 265 8.84 -12.43 -10.01
C ASP A 265 9.97 -13.14 -9.26
N LEU A 266 9.61 -14.27 -8.66
CA LEU A 266 10.55 -15.11 -7.92
C LEU A 266 10.33 -16.56 -8.29
N ASN A 267 11.37 -17.36 -8.10
CA ASN A 267 11.25 -18.80 -8.25
C ASN A 267 10.66 -19.41 -6.99
N GLN A 268 10.01 -20.56 -7.15
CA GLN A 268 9.40 -21.21 -6.00
C GLN A 268 10.41 -21.51 -4.90
N GLU A 269 11.67 -21.77 -5.27
CA GLU A 269 12.69 -22.05 -4.27
C GLU A 269 13.02 -20.81 -3.46
N GLN A 270 13.13 -19.66 -4.11
CA GLN A 270 13.35 -18.42 -3.38
C GLN A 270 12.13 -18.04 -2.55
N LYS A 271 10.93 -18.37 -3.05
CA LYS A 271 9.72 -17.99 -2.34
C LYS A 271 9.54 -18.78 -1.06
N LYS A 272 10.07 -20.01 -1.00
CA LYS A 272 10.09 -20.71 0.29
C LYS A 272 11.26 -20.25 1.15
N GLU A 273 12.38 -19.87 0.53
CA GLU A 273 13.45 -19.22 1.28
C GLU A 273 12.95 -17.92 1.90
N ILE A 274 12.25 -17.11 1.11
CA ILE A 274 11.65 -15.88 1.62
C ILE A 274 10.80 -16.17 2.85
N ALA A 275 9.84 -17.08 2.70
CA ALA A 275 8.97 -17.43 3.81
C ALA A 275 9.77 -17.82 5.05
N ASP A 276 10.82 -18.63 4.85
CA ASP A 276 11.66 -19.03 5.98
C ASP A 276 12.22 -17.81 6.70
N VAL A 277 12.58 -16.76 5.96
CA VAL A 277 13.11 -15.57 6.60
C VAL A 277 12.02 -14.88 7.40
N LEU A 278 10.82 -14.78 6.85
CA LEU A 278 9.73 -14.09 7.54
C LEU A 278 9.35 -14.83 8.81
N LEU A 279 9.30 -16.16 8.79
CA LEU A 279 9.04 -16.93 9.99
C LEU A 279 10.18 -16.76 11.00
N GLU A 280 11.42 -16.77 10.51
CA GLU A 280 12.57 -16.68 11.40
C GLU A 280 12.67 -15.31 12.04
N THR A 281 12.38 -14.25 11.28
CA THR A 281 12.54 -12.89 11.75
C THR A 281 11.29 -12.35 12.44
N ASN A 282 10.22 -13.12 12.49
CA ASN A 282 9.00 -12.70 13.17
C ASN A 282 8.42 -11.44 12.52
N ILE A 283 8.38 -11.42 11.18
CA ILE A 283 7.83 -10.27 10.49
C ILE A 283 6.35 -10.15 10.82
N ASP A 284 5.88 -8.91 10.93
CA ASP A 284 4.50 -8.67 11.33
C ASP A 284 3.51 -8.82 10.17
N GLY A 285 3.99 -8.80 8.94
CA GLY A 285 3.10 -8.93 7.80
C GLY A 285 3.92 -9.10 6.53
N MET A 286 3.20 -9.43 5.46
CA MET A 286 3.80 -9.62 4.15
C MET A 286 2.85 -9.08 3.10
N ILE A 287 3.20 -7.94 2.50
CA ILE A 287 2.39 -7.36 1.44
C ILE A 287 2.62 -8.16 0.16
N ILE A 288 1.52 -8.46 -0.54
CA ILE A 288 1.56 -9.27 -1.75
C ILE A 288 0.50 -8.70 -2.69
N SER A 289 0.95 -8.04 -3.77
CA SER A 289 2.36 -7.87 -4.15
C SER A 289 2.55 -6.59 -4.97
N ASN A 290 3.78 -6.38 -5.43
CA ASN A 290 4.12 -5.21 -6.22
C ASN A 290 3.80 -5.48 -7.68
N THR A 291 4.33 -4.64 -8.58
CA THR A 291 4.10 -4.83 -10.01
C THR A 291 4.92 -6.01 -10.52
N THR A 292 4.61 -6.42 -11.76
CA THR A 292 5.29 -7.51 -12.41
C THR A 292 5.89 -7.05 -13.73
N THR A 293 6.91 -7.77 -14.17
CA THR A 293 7.59 -7.50 -15.44
C THR A 293 7.40 -8.63 -16.44
N GLN A 294 6.41 -9.49 -16.23
CA GLN A 294 6.20 -10.68 -17.05
C GLN A 294 5.06 -10.54 -18.04
N ILE A 295 4.28 -9.46 -17.97
CA ILE A 295 3.19 -9.24 -18.91
C ILE A 295 3.76 -8.72 -20.23
N ASN A 296 3.41 -9.40 -21.32
CA ASN A 296 3.93 -9.01 -22.64
C ASN A 296 2.85 -9.09 -23.72
N ASP A 297 1.57 -9.06 -23.35
CA ASP A 297 0.47 -9.24 -24.29
C ASP A 297 -0.45 -8.02 -24.32
N ILE A 298 0.12 -6.83 -24.17
CA ILE A 298 -0.63 -5.58 -24.29
C ILE A 298 0.02 -4.78 -25.41
N LYS A 299 -0.69 -4.66 -26.54
CA LYS A 299 -0.08 -4.09 -27.73
C LYS A 299 0.33 -2.64 -27.52
N SER A 300 -0.44 -1.88 -26.74
CA SER A 300 -0.08 -0.50 -26.47
C SER A 300 1.10 -0.35 -25.53
N PHE A 301 1.48 -1.43 -24.83
CA PHE A 301 2.60 -1.39 -23.90
C PHE A 301 3.87 -2.01 -24.48
N GLU A 302 3.86 -2.42 -25.74
CA GLU A 302 5.04 -3.08 -26.32
C GLU A 302 6.21 -2.11 -26.36
N ASN A 303 7.38 -2.60 -25.97
CA ASN A 303 8.62 -1.81 -25.99
C ASN A 303 8.57 -0.64 -25.02
N LYS A 304 7.84 -0.78 -23.92
CA LYS A 304 7.76 0.24 -22.89
C LYS A 304 8.27 -0.34 -21.57
N LYS A 305 9.10 0.44 -20.89
CA LYS A 305 9.78 -0.01 -19.68
C LYS A 305 8.92 0.27 -18.45
N GLY A 306 9.07 -0.57 -17.44
CA GLY A 306 8.38 -0.40 -16.18
C GLY A 306 7.57 -1.63 -15.79
N GLY A 307 7.06 -1.59 -14.56
CA GLY A 307 6.26 -2.67 -14.03
C GLY A 307 4.77 -2.45 -14.28
N VAL A 308 4.07 -3.56 -14.48
CA VAL A 308 2.66 -3.53 -14.90
C VAL A 308 1.77 -3.66 -13.68
N SER A 309 0.69 -2.87 -13.68
CA SER A 309 -0.31 -2.92 -12.63
C SER A 309 -1.69 -3.06 -13.27
N GLY A 310 -2.64 -3.49 -12.45
CA GLY A 310 -4.03 -3.55 -12.88
C GLY A 310 -4.57 -4.97 -12.90
N ALA A 311 -5.59 -5.16 -13.71
CA ALA A 311 -6.31 -6.43 -13.73
C ALA A 311 -5.40 -7.58 -14.13
N LYS A 312 -4.51 -7.34 -15.09
CA LYS A 312 -3.61 -8.40 -15.57
C LYS A 312 -2.73 -8.95 -14.45
N LEU A 313 -2.62 -8.25 -13.32
CA LEU A 313 -1.85 -8.73 -12.18
C LEU A 313 -2.69 -9.49 -11.17
N LYS A 314 -4.00 -9.56 -11.37
CA LYS A 314 -4.90 -10.14 -10.37
C LYS A 314 -4.59 -11.60 -10.10
N ASP A 315 -4.86 -12.47 -11.08
CA ASP A 315 -4.73 -13.91 -10.86
C ASP A 315 -3.33 -14.28 -10.41
N ILE A 316 -2.31 -13.63 -10.97
CA ILE A 316 -0.94 -13.98 -10.63
C ILE A 316 -0.70 -13.78 -9.14
N SER A 317 -1.07 -12.59 -8.63
CA SER A 317 -0.85 -12.30 -7.22
C SER A 317 -1.66 -13.21 -6.32
N THR A 318 -2.91 -13.49 -6.69
CA THR A 318 -3.77 -14.32 -5.85
C THR A 318 -3.06 -15.62 -5.46
N LYS A 319 -2.56 -16.36 -6.47
CA LYS A 319 -1.81 -17.57 -6.19
C LYS A 319 -0.65 -17.30 -5.25
N PHE A 320 0.05 -16.18 -5.45
CA PHE A 320 1.15 -15.82 -4.57
C PHE A 320 0.67 -15.71 -3.12
N ILE A 321 -0.60 -15.37 -2.91
CA ILE A 321 -1.14 -15.35 -1.56
C ILE A 321 -1.29 -16.77 -1.04
N CYS A 322 -2.00 -17.62 -1.78
CA CYS A 322 -2.10 -19.03 -1.43
C CYS A 322 -0.71 -19.62 -1.24
N GLU A 323 0.20 -19.31 -2.16
CA GLU A 323 1.59 -19.77 -2.04
C GLU A 323 2.18 -19.34 -0.70
N MET A 324 2.20 -18.03 -0.44
CA MET A 324 2.82 -17.53 0.78
C MET A 324 1.99 -17.84 2.01
N TYR A 325 0.68 -18.03 1.87
CA TYR A 325 -0.13 -18.44 3.00
C TYR A 325 0.16 -19.88 3.39
N ASN A 326 0.57 -20.71 2.43
CA ASN A 326 0.97 -22.08 2.70
C ASN A 326 2.48 -22.23 2.86
N TYR A 327 3.26 -21.38 2.19
CA TYR A 327 4.69 -21.32 2.50
C TYR A 327 4.90 -21.01 3.97
N THR A 328 4.23 -19.96 4.47
CA THR A 328 4.45 -19.47 5.82
C THR A 328 3.63 -20.21 6.87
N ASN A 329 2.87 -21.24 6.48
CA ASN A 329 2.09 -22.03 7.43
C ASN A 329 1.08 -21.17 8.18
N LYS A 330 0.47 -20.22 7.47
CA LYS A 330 -0.63 -19.43 8.01
C LYS A 330 -0.22 -18.58 9.21
N GLN A 331 1.08 -18.40 9.43
CA GLN A 331 1.55 -17.71 10.63
C GLN A 331 1.79 -16.22 10.43
N ILE A 332 1.88 -15.75 9.20
CA ILE A 332 2.13 -14.34 8.90
C ILE A 332 0.91 -13.79 8.18
N PRO A 333 0.21 -12.79 8.73
CA PRO A 333 -0.90 -12.19 8.00
C PRO A 333 -0.42 -11.61 6.68
N ILE A 334 -1.34 -11.55 5.71
CA ILE A 334 -1.02 -11.14 4.35
C ILE A 334 -1.84 -9.91 3.98
N ILE A 335 -1.19 -8.94 3.35
CA ILE A 335 -1.85 -7.76 2.81
C ILE A 335 -1.89 -7.90 1.30
N ALA A 336 -3.07 -7.73 0.72
CA ALA A 336 -3.32 -8.01 -0.68
C ALA A 336 -3.22 -6.74 -1.53
N SER A 337 -2.48 -6.83 -2.62
CA SER A 337 -2.36 -5.71 -3.57
C SER A 337 -2.07 -6.29 -4.95
N GLY A 338 -2.95 -6.01 -5.91
CA GLY A 338 -2.75 -6.48 -7.26
C GLY A 338 -4.03 -6.78 -8.01
N GLY A 339 -4.45 -5.85 -8.87
CA GLY A 339 -5.60 -6.07 -9.72
C GLY A 339 -6.92 -6.15 -8.98
N ILE A 340 -7.03 -5.46 -7.86
CA ILE A 340 -8.25 -5.48 -7.06
C ILE A 340 -9.16 -4.35 -7.54
N PHE A 341 -10.31 -4.72 -8.10
CA PHE A 341 -11.28 -3.77 -8.62
C PHE A 341 -12.69 -3.92 -8.05
N SER A 342 -13.13 -5.13 -7.73
CA SER A 342 -14.50 -5.37 -7.30
C SER A 342 -14.52 -6.06 -5.94
N GLY A 343 -15.71 -6.11 -5.34
CA GLY A 343 -15.83 -6.78 -4.05
C GLY A 343 -15.51 -8.25 -4.13
N LEU A 344 -15.83 -8.89 -5.24
CA LEU A 344 -15.50 -10.29 -5.41
C LEU A 344 -13.99 -10.49 -5.59
N ASP A 345 -13.32 -9.55 -6.27
CA ASP A 345 -11.87 -9.60 -6.33
C ASP A 345 -11.28 -9.60 -4.93
N ALA A 346 -11.79 -8.72 -4.05
CA ALA A 346 -11.28 -8.65 -2.69
C ALA A 346 -11.51 -9.97 -1.94
N LEU A 347 -12.68 -10.57 -2.11
CA LEU A 347 -12.97 -11.82 -1.42
C LEU A 347 -12.03 -12.93 -1.90
N GLU A 348 -11.73 -12.95 -3.20
CA GLU A 348 -10.70 -13.86 -3.71
C GLU A 348 -9.40 -13.70 -2.94
N LYS A 349 -8.97 -12.45 -2.77
CA LYS A 349 -7.76 -12.19 -2.00
C LYS A 349 -7.92 -12.62 -0.55
N ILE A 350 -9.09 -12.36 0.04
CA ILE A 350 -9.33 -12.73 1.43
C ILE A 350 -9.28 -14.25 1.59
N GLU A 351 -10.02 -14.97 0.75
CA GLU A 351 -10.08 -16.42 0.87
C GLU A 351 -8.71 -17.05 0.66
N ALA A 352 -7.83 -16.39 -0.10
CA ALA A 352 -6.50 -16.94 -0.34
C ALA A 352 -5.60 -16.85 0.88
N GLY A 353 -5.91 -15.96 1.82
CA GLY A 353 -5.11 -15.84 3.03
C GLY A 353 -4.86 -14.41 3.45
N ALA A 354 -5.38 -13.45 2.69
CA ALA A 354 -5.17 -12.05 2.99
C ALA A 354 -6.14 -11.58 4.08
N SER A 355 -5.66 -10.63 4.89
CA SER A 355 -6.49 -10.01 5.91
C SER A 355 -7.01 -8.63 5.51
N VAL A 356 -6.33 -7.96 4.56
CA VAL A 356 -6.70 -6.62 4.14
C VAL A 356 -6.27 -6.45 2.69
N CYS A 357 -6.80 -5.42 2.04
CA CYS A 357 -6.57 -5.19 0.62
C CYS A 357 -6.18 -3.74 0.38
N GLN A 358 -5.39 -3.53 -0.67
CA GLN A 358 -5.00 -2.21 -1.13
C GLN A 358 -5.40 -2.02 -2.57
N LEU A 359 -5.77 -0.79 -2.93
CA LEU A 359 -6.22 -0.45 -4.27
C LEU A 359 -5.34 0.65 -4.85
N TYR A 360 -5.15 0.60 -6.17
CA TYR A 360 -4.46 1.67 -6.88
C TYR A 360 -5.07 1.82 -8.27
N SER A 361 -4.84 0.83 -9.14
CA SER A 361 -5.39 0.90 -10.49
C SER A 361 -6.91 1.06 -10.47
N CYS A 362 -7.58 0.49 -9.46
CA CYS A 362 -9.01 0.68 -9.34
C CYS A 362 -9.37 2.15 -9.30
N LEU A 363 -8.60 2.95 -8.54
CA LEU A 363 -8.81 4.39 -8.52
C LEU A 363 -8.38 5.06 -9.82
N VAL A 364 -7.48 4.43 -10.57
CA VAL A 364 -7.07 5.00 -11.85
C VAL A 364 -8.19 4.84 -12.87
N PHE A 365 -8.87 3.70 -12.87
CA PHE A 365 -9.88 3.40 -13.86
C PHE A 365 -11.31 3.56 -13.36
N ASN A 366 -11.57 3.26 -12.08
CA ASN A 366 -12.91 3.45 -11.56
C ASN A 366 -13.12 4.84 -10.97
N GLY A 367 -12.08 5.40 -10.37
CA GLY A 367 -12.11 6.79 -9.94
C GLY A 367 -12.36 6.97 -8.47
N MET A 368 -12.87 8.15 -8.13
CA MET A 368 -13.04 8.54 -6.74
C MET A 368 -14.19 7.80 -6.07
N LYS A 369 -15.10 7.23 -6.84
CA LYS A 369 -16.22 6.47 -6.33
C LYS A 369 -15.83 5.04 -5.97
N SER A 370 -14.53 4.71 -6.05
CA SER A 370 -14.11 3.32 -5.94
C SER A 370 -14.41 2.75 -4.56
N ALA A 371 -13.88 3.39 -3.52
CA ALA A 371 -14.00 2.84 -2.18
C ALA A 371 -15.46 2.55 -1.83
N VAL A 372 -16.34 3.53 -2.01
CA VAL A 372 -17.75 3.32 -1.72
C VAL A 372 -18.28 2.15 -2.55
N GLN A 373 -18.00 2.15 -3.84
CA GLN A 373 -18.46 1.08 -4.72
C GLN A 373 -17.99 -0.28 -4.21
N ILE A 374 -16.69 -0.44 -4.00
CA ILE A 374 -16.16 -1.75 -3.64
C ILE A 374 -16.59 -2.12 -2.22
N LYS A 375 -16.85 -1.14 -1.37
CA LYS A 375 -17.22 -1.45 0.01
C LYS A 375 -18.65 -1.98 0.07
N ARG A 376 -19.56 -1.41 -0.73
CA ARG A 376 -20.92 -1.93 -0.77
C ARG A 376 -20.97 -3.32 -1.38
N GLU A 377 -20.08 -3.60 -2.34
CA GLU A 377 -20.09 -4.89 -3.02
C GLU A 377 -19.59 -5.99 -2.10
N LEU A 378 -18.59 -5.69 -1.27
CA LEU A 378 -18.07 -6.71 -0.36
C LEU A 378 -19.07 -7.02 0.75
N ASN A 379 -19.66 -5.98 1.36
CA ASN A 379 -20.70 -6.19 2.35
C ASN A 379 -21.79 -7.10 1.81
N HIS A 380 -22.25 -6.83 0.59
CA HIS A 380 -23.34 -7.61 0.02
C HIS A 380 -22.92 -9.04 -0.25
N LEU A 381 -21.65 -9.27 -0.62
CA LEU A 381 -21.21 -10.63 -0.93
C LEU A 381 -21.06 -11.47 0.34
N LEU A 382 -20.58 -10.86 1.43
CA LEU A 382 -20.48 -11.59 2.69
C LEU A 382 -21.85 -12.05 3.17
N TYR A 383 -22.91 -11.30 2.82
CA TYR A 383 -24.25 -11.67 3.23
C TYR A 383 -24.71 -12.94 2.51
N GLN A 384 -24.41 -13.05 1.21
CA GLN A 384 -24.89 -14.19 0.44
C GLN A 384 -24.05 -15.44 0.68
N ARG A 385 -22.73 -15.27 0.86
CA ARG A 385 -21.86 -16.42 1.05
C ARG A 385 -22.01 -17.07 2.42
N GLY A 386 -22.73 -16.44 3.35
CA GLY A 386 -23.00 -17.02 4.63
C GLY A 386 -22.01 -16.69 5.72
N TYR A 387 -20.91 -16.00 5.41
CA TYR A 387 -19.95 -15.64 6.43
C TYR A 387 -20.58 -14.71 7.46
N TYR A 388 -20.30 -14.97 8.74
CA TYR A 388 -20.80 -14.10 9.80
C TYR A 388 -20.09 -12.75 9.79
N ASN A 389 -18.77 -12.75 9.59
CA ASN A 389 -18.00 -11.52 9.49
C ASN A 389 -16.81 -11.77 8.57
N LEU A 390 -16.02 -10.73 8.36
CA LEU A 390 -14.89 -10.84 7.44
C LEU A 390 -13.83 -11.78 7.97
N LYS A 391 -13.48 -11.66 9.26
CA LYS A 391 -12.42 -12.48 9.81
C LYS A 391 -12.66 -13.97 9.58
N GLU A 392 -13.91 -14.38 9.39
CA GLU A 392 -14.22 -15.79 9.19
C GLU A 392 -13.76 -16.30 7.84
N ALA A 393 -13.50 -15.41 6.88
CA ALA A 393 -13.25 -15.84 5.51
C ALA A 393 -11.78 -16.06 5.18
N ILE A 394 -10.86 -15.56 6.01
CA ILE A 394 -9.45 -15.69 5.70
C ILE A 394 -9.10 -17.18 5.66
N GLY A 395 -8.56 -17.62 4.52
CA GLY A 395 -8.22 -19.02 4.36
C GLY A 395 -9.42 -19.93 4.52
N ARG A 396 -10.27 -19.98 3.50
CA ARG A 396 -11.47 -20.82 3.55
C ARG A 396 -11.76 -21.58 2.26
N LYS A 397 -11.16 -21.23 1.13
CA LYS A 397 -11.23 -22.02 -0.10
C LYS A 397 -9.90 -22.71 -0.39
N HIS A 398 -9.17 -23.05 0.66
CA HIS A 398 -7.87 -23.71 0.51
C HIS A 398 -8.04 -25.22 0.42
#